data_7LRN
#
_entry.id   7LRN
#
_cell.length_a   86.790
_cell.length_b   127.252
_cell.length_c   150.304
_cell.angle_alpha   90.000
_cell.angle_beta   90.000
_cell.angle_gamma   90.000
#
_symmetry.space_group_name_H-M   'C 2 2 21'
#
loop_
_entity.id
_entity.type
_entity.pdbx_description
1 polymer 'NADPH-dependent ferric siderophore reductase'
2 non-polymer 'FLAVIN-ADENINE DINUCLEOTIDE'
#
_entity_poly.entity_id   1
_entity_poly.type   'polypeptide(L)'
_entity_poly.pdbx_seq_one_letter_code
;HHHHHHSSGLVPRGSMTKIAEKSKQEYGDLLKEKDHLQDMEQLEMTIVSIQTPYPSIVRIQGKINTLQPELWQAPNLAIR
LIVSNPPEGQPISRVYTVRSFNPINAQIEIDFVKHEDLSPAMEWLNSAQVGTKIGLIGPRPHFIPNFTAKKHVVMFADDT
AVPALYSILKQWELGISADIFIESFEKDIASQLPELEHVKIHSFHKEHHTSQKGLLLKAAFALEHYENITIWAACERNEA
RALRQFFLEDQQLNKNDVRIAGYWRDGVSSSELDKLRAQHYQEHIQQGKTLNEYDDLDLAN
;
_entity_poly.pdbx_strand_id   A,B
#
loop_
_chem_comp.id
_chem_comp.type
_chem_comp.name
_chem_comp.formula
FAD non-polymer 'FLAVIN-ADENINE DINUCLEOTIDE' 'C27 H33 N9 O15 P2'
#
# COMPACT_ATOMS: atom_id res chain seq x y z
N MET A 40 28.88 -15.68 -18.19
CA MET A 40 28.11 -16.35 -17.11
C MET A 40 28.73 -17.65 -16.60
N GLU A 41 28.22 -18.13 -15.45
CA GLU A 41 28.74 -19.32 -14.82
C GLU A 41 27.63 -20.24 -14.32
N GLN A 42 27.99 -21.52 -14.16
CA GLN A 42 27.12 -22.56 -13.62
C GLN A 42 27.64 -22.89 -12.23
N LEU A 43 26.91 -22.49 -11.22
CA LEU A 43 27.38 -22.63 -9.86
C LEU A 43 26.55 -23.70 -9.14
N GLU A 44 26.77 -23.80 -7.84
CA GLU A 44 25.92 -24.60 -6.97
C GLU A 44 25.54 -23.71 -5.81
N MET A 45 24.27 -23.70 -5.44
CA MET A 45 23.81 -22.97 -4.28
C MET A 45 23.37 -23.95 -3.20
N THR A 46 23.72 -23.63 -1.95
CA THR A 46 23.36 -24.40 -0.77
C THR A 46 22.53 -23.49 0.14
N ILE A 47 21.33 -23.93 0.53
CA ILE A 47 20.43 -23.09 1.30
C ILE A 47 20.97 -22.92 2.71
N VAL A 48 21.10 -21.67 3.16
CA VAL A 48 21.56 -21.43 4.51
C VAL A 48 20.45 -20.88 5.41
N SER A 49 19.46 -20.21 4.85
CA SER A 49 18.38 -19.65 5.62
C SER A 49 17.09 -19.76 4.83
N ILE A 50 15.98 -19.90 5.55
CA ILE A 50 14.64 -19.97 4.97
C ILE A 50 13.70 -19.12 5.82
N GLN A 51 13.02 -18.16 5.18
CA GLN A 51 12.07 -17.29 5.84
C GLN A 51 10.74 -17.28 5.09
N THR A 52 9.71 -16.87 5.82
CA THR A 52 8.39 -16.65 5.27
C THR A 52 8.11 -15.17 5.55
N PRO A 53 8.73 -14.26 4.78
CA PRO A 53 8.57 -12.83 5.09
C PRO A 53 7.12 -12.40 5.01
N TYR A 54 6.38 -12.90 4.03
CA TYR A 54 4.93 -12.75 3.94
C TYR A 54 4.30 -14.12 3.85
N PRO A 55 2.98 -14.22 4.07
CA PRO A 55 2.34 -15.55 4.03
C PRO A 55 2.46 -16.24 2.68
N SER A 56 2.62 -15.49 1.58
CA SER A 56 2.62 -16.07 0.25
C SER A 56 4.00 -16.06 -0.39
N ILE A 57 5.04 -15.81 0.39
CA ILE A 57 6.38 -15.65 -0.16
C ILE A 57 7.37 -16.42 0.69
N VAL A 58 8.28 -17.16 0.05
CA VAL A 58 9.33 -17.92 0.73
C VAL A 58 10.68 -17.32 0.36
N ARG A 59 11.38 -16.79 1.37
CA ARG A 59 12.67 -16.13 1.18
C ARG A 59 13.79 -17.08 1.56
N ILE A 60 14.61 -17.45 0.59
CA ILE A 60 15.70 -18.40 0.79
C ILE A 60 17.01 -17.67 0.60
N GLN A 61 17.98 -17.98 1.46
CA GLN A 61 19.35 -17.52 1.33
C GLN A 61 20.27 -18.71 1.12
N GLY A 62 21.22 -18.54 0.21
CA GLY A 62 22.14 -19.62 -0.08
C GLY A 62 23.52 -19.13 -0.46
N LYS A 63 24.55 -19.86 -0.04
CA LYS A 63 25.90 -19.57 -0.48
C LYS A 63 26.05 -20.17 -1.86
N ILE A 64 26.77 -19.46 -2.73
CA ILE A 64 27.06 -19.90 -4.08
C ILE A 64 28.57 -19.96 -4.25
N ASN A 65 29.03 -20.93 -5.03
CA ASN A 65 30.47 -21.12 -5.23
C ASN A 65 30.98 -20.33 -6.43
N THR A 66 30.66 -19.04 -6.48
CA THR A 66 31.09 -18.18 -7.57
C THR A 66 32.61 -18.02 -7.55
N LEU A 67 33.19 -17.89 -8.75
CA LEU A 67 34.59 -17.55 -8.90
C LEU A 67 34.78 -16.17 -9.51
N GLN A 68 33.70 -15.46 -9.79
CA GLN A 68 33.76 -14.07 -10.20
C GLN A 68 32.58 -13.32 -9.59
N PRO A 69 32.72 -12.91 -8.31
CA PRO A 69 31.61 -12.22 -7.62
C PRO A 69 31.36 -10.82 -8.15
N GLU A 70 32.28 -10.30 -8.98
CA GLU A 70 32.09 -9.02 -9.64
C GLU A 70 30.84 -9.03 -10.50
N LEU A 71 30.48 -10.18 -11.05
CA LEU A 71 29.29 -10.29 -11.89
C LEU A 71 28.01 -10.12 -11.10
N TRP A 72 28.02 -10.54 -9.84
CA TRP A 72 26.83 -10.71 -9.01
C TRP A 72 26.43 -9.46 -8.25
N GLN A 73 27.03 -8.31 -8.55
CA GLN A 73 26.71 -7.10 -7.81
C GLN A 73 25.77 -6.17 -8.55
N ALA A 74 25.54 -6.41 -9.84
CA ALA A 74 24.69 -5.52 -10.61
C ALA A 74 23.24 -5.62 -10.12
N PRO A 75 22.45 -4.58 -10.33
CA PRO A 75 21.05 -4.63 -9.96
C PRO A 75 20.26 -5.44 -10.97
N ASN A 76 19.15 -5.99 -10.50
CA ASN A 76 18.22 -6.81 -11.29
C ASN A 76 19.00 -7.88 -12.07
N LEU A 77 19.69 -8.74 -11.32
CA LEU A 77 20.22 -9.94 -11.93
C LEU A 77 19.21 -11.05 -11.68
N ALA A 78 19.08 -11.94 -12.64
CA ALA A 78 18.28 -13.13 -12.47
C ALA A 78 19.13 -14.36 -12.74
N ILE A 79 18.74 -15.48 -12.11
CA ILE A 79 19.42 -16.74 -12.27
C ILE A 79 18.41 -17.75 -12.77
N ARG A 80 18.93 -18.85 -13.25
CA ARG A 80 18.13 -19.99 -13.67
C ARG A 80 18.44 -21.11 -12.66
N LEU A 81 17.46 -21.48 -11.84
CA LEU A 81 17.65 -22.57 -10.89
C LEU A 81 17.21 -23.89 -11.49
N ILE A 82 18.11 -24.88 -11.48
CA ILE A 82 17.70 -26.19 -12.00
C ILE A 82 16.82 -26.83 -10.95
N VAL A 83 15.51 -26.59 -11.07
CA VAL A 83 14.56 -27.04 -10.07
C VAL A 83 14.36 -28.56 -10.15
N SER A 84 14.60 -29.17 -11.31
CA SER A 84 14.52 -30.62 -11.35
C SER A 84 15.61 -31.20 -12.23
N ASN A 85 16.23 -32.26 -11.76
CA ASN A 85 17.27 -32.95 -12.52
C ASN A 85 17.18 -34.44 -12.30
N PRO A 86 16.16 -35.09 -12.85
CA PRO A 86 16.10 -36.53 -12.76
C PRO A 86 17.21 -37.14 -13.60
N PRO A 87 17.79 -38.26 -13.17
CA PRO A 87 18.76 -38.94 -14.05
C PRO A 87 18.10 -39.46 -15.33
N GLU A 88 16.80 -39.79 -15.26
CA GLU A 88 15.99 -40.15 -16.41
C GLU A 88 15.19 -38.90 -16.81
N GLY A 89 15.62 -38.28 -17.92
CA GLY A 89 14.94 -37.13 -18.48
C GLY A 89 15.78 -35.86 -18.52
N GLN A 90 15.38 -34.91 -19.36
CA GLN A 90 16.06 -33.63 -19.50
C GLN A 90 15.79 -32.73 -18.28
N PRO A 91 16.70 -31.80 -17.99
CA PRO A 91 16.55 -30.99 -16.76
C PRO A 91 15.55 -29.87 -16.95
N ILE A 92 15.04 -29.39 -15.83
CA ILE A 92 14.04 -28.33 -15.78
C ILE A 92 14.58 -27.17 -14.97
N SER A 93 14.62 -25.99 -15.59
CA SER A 93 15.07 -24.79 -14.88
C SER A 93 13.94 -23.77 -14.78
N ARG A 94 14.10 -22.85 -13.83
CA ARG A 94 13.18 -21.75 -13.66
C ARG A 94 13.99 -20.50 -13.32
N VAL A 95 13.45 -19.34 -13.70
CA VAL A 95 14.15 -18.05 -13.56
C VAL A 95 13.62 -17.32 -12.32
N TYR A 96 14.53 -16.91 -11.42
CA TYR A 96 14.21 -16.16 -10.21
C TYR A 96 15.19 -15.00 -10.04
N THR A 97 14.74 -13.93 -9.39
CA THR A 97 15.59 -12.77 -9.24
C THR A 97 16.52 -12.90 -8.04
N VAL A 98 17.75 -12.39 -8.16
CA VAL A 98 18.64 -12.28 -7.02
C VAL A 98 18.20 -11.06 -6.21
N ARG A 99 17.50 -11.30 -5.10
CA ARG A 99 17.07 -10.16 -4.30
C ARG A 99 18.28 -9.36 -3.84
N SER A 100 19.34 -10.04 -3.44
CA SER A 100 20.59 -9.37 -3.12
C SER A 100 21.73 -10.38 -3.20
N PHE A 101 22.96 -9.84 -3.22
CA PHE A 101 24.18 -10.65 -3.19
C PHE A 101 25.11 -10.05 -2.17
N ASN A 102 25.44 -10.82 -1.13
CA ASN A 102 26.34 -10.38 -0.10
C ASN A 102 27.74 -10.88 -0.48
N PRO A 103 28.66 -10.01 -0.90
CA PRO A 103 29.95 -10.50 -1.40
C PRO A 103 30.92 -10.99 -0.34
N ILE A 104 30.74 -10.63 0.94
CA ILE A 104 31.70 -11.09 1.94
C ILE A 104 31.41 -12.51 2.40
N ASN A 105 30.34 -13.12 1.90
CA ASN A 105 30.11 -14.53 2.18
C ASN A 105 29.47 -15.26 1.01
N ALA A 106 29.39 -14.63 -0.17
CA ALA A 106 28.90 -15.27 -1.38
C ALA A 106 27.45 -15.76 -1.23
N GLN A 107 26.65 -15.02 -0.48
CA GLN A 107 25.28 -15.41 -0.21
C GLN A 107 24.33 -14.56 -1.04
N ILE A 108 23.40 -15.22 -1.72
CA ILE A 108 22.33 -14.54 -2.44
C ILE A 108 21.01 -14.86 -1.75
N GLU A 109 20.00 -14.04 -2.03
CA GLU A 109 18.65 -14.39 -1.59
C GLU A 109 17.65 -14.28 -2.73
N ILE A 110 16.62 -15.13 -2.64
CA ILE A 110 15.57 -15.29 -3.65
C ILE A 110 14.21 -15.34 -2.96
N ASP A 111 13.25 -14.58 -3.47
CA ASP A 111 11.87 -14.65 -3.05
C ASP A 111 11.05 -15.50 -4.01
N PHE A 112 10.36 -16.50 -3.48
CA PHE A 112 9.48 -17.32 -4.29
C PHE A 112 8.04 -16.94 -4.02
N VAL A 113 7.30 -16.61 -5.07
CA VAL A 113 5.87 -16.40 -4.96
C VAL A 113 5.20 -17.77 -4.90
N LYS A 114 4.55 -18.07 -3.79
CA LYS A 114 3.78 -19.30 -3.71
C LYS A 114 2.56 -19.19 -4.62
N HIS A 115 2.25 -20.26 -5.34
CA HIS A 115 1.04 -20.29 -6.15
C HIS A 115 0.53 -21.72 -6.26
N GLU A 116 -0.79 -21.91 -6.18
CA GLU A 116 -1.40 -23.25 -6.06
C GLU A 116 -1.34 -23.94 -7.42
N ASP A 117 -0.18 -24.56 -7.68
CA ASP A 117 0.18 -25.22 -8.94
C ASP A 117 1.13 -26.36 -8.63
N LEU A 118 0.91 -27.53 -9.21
CA LEU A 118 1.87 -28.60 -9.02
C LEU A 118 3.06 -28.44 -9.97
N SER A 119 3.65 -27.25 -9.99
CA SER A 119 4.72 -26.88 -10.90
C SER A 119 6.06 -27.37 -10.37
N PRO A 120 7.11 -27.40 -11.22
CA PRO A 120 8.44 -27.72 -10.71
C PRO A 120 8.95 -26.86 -9.57
N ALA A 121 8.96 -25.54 -9.72
CA ALA A 121 9.50 -24.71 -8.64
C ALA A 121 8.68 -24.87 -7.37
N MET A 122 7.38 -25.08 -7.49
CA MET A 122 6.56 -25.28 -6.30
C MET A 122 6.83 -26.64 -5.65
N GLU A 123 6.95 -27.71 -6.45
CA GLU A 123 7.31 -29.01 -5.89
C GLU A 123 8.69 -28.98 -5.23
N TRP A 124 9.61 -28.18 -5.78
CA TRP A 124 10.94 -28.10 -5.20
C TRP A 124 10.92 -27.34 -3.88
N LEU A 125 10.16 -26.25 -3.81
CA LEU A 125 10.09 -25.45 -2.59
C LEU A 125 9.43 -26.19 -1.43
N ASN A 126 8.46 -27.07 -1.70
CA ASN A 126 7.77 -27.74 -0.60
C ASN A 126 8.75 -28.58 0.21
N SER A 127 9.64 -29.30 -0.46
CA SER A 127 10.73 -30.04 0.20
C SER A 127 12.03 -29.33 -0.14
N ALA A 128 12.33 -28.28 0.63
CA ALA A 128 13.57 -27.52 0.51
C ALA A 128 13.97 -27.10 1.92
N GLN A 129 15.05 -27.69 2.43
CA GLN A 129 15.51 -27.50 3.79
C GLN A 129 16.81 -26.69 3.80
N VAL A 130 17.25 -26.29 4.99
CA VAL A 130 18.58 -25.66 5.11
C VAL A 130 19.64 -26.70 4.83
N GLY A 131 20.55 -26.38 3.92
CA GLY A 131 21.51 -27.34 3.42
C GLY A 131 21.16 -27.97 2.08
N THR A 132 19.93 -27.80 1.60
CA THR A 132 19.57 -28.25 0.26
C THR A 132 20.49 -27.62 -0.77
N LYS A 133 21.12 -28.46 -1.59
CA LYS A 133 22.00 -27.99 -2.65
C LYS A 133 21.20 -28.01 -3.95
N ILE A 134 21.37 -26.97 -4.75
CA ILE A 134 20.60 -26.84 -5.98
C ILE A 134 21.50 -26.17 -7.02
N GLY A 135 21.43 -26.67 -8.25
CA GLY A 135 22.25 -26.10 -9.31
C GLY A 135 21.72 -24.79 -9.84
N LEU A 136 22.63 -23.95 -10.35
CA LEU A 136 22.19 -22.66 -10.87
C LEU A 136 23.10 -22.20 -12.00
N ILE A 137 22.54 -21.37 -12.89
CA ILE A 137 23.22 -20.79 -14.03
C ILE A 137 22.92 -19.30 -14.05
N GLY A 138 23.97 -18.48 -14.12
CA GLY A 138 23.79 -17.03 -14.10
C GLY A 138 25.06 -16.26 -13.84
N PRO A 139 24.95 -14.93 -13.68
CA PRO A 139 23.70 -14.17 -13.68
C PRO A 139 23.38 -13.51 -15.04
N ARG A 140 22.12 -13.14 -15.18
CA ARG A 140 21.55 -12.45 -16.33
C ARG A 140 21.23 -11.02 -15.94
N PRO A 141 21.88 -10.01 -16.51
CA PRO A 141 21.42 -8.63 -16.30
C PRO A 141 20.06 -8.42 -16.95
N HIS A 142 19.14 -7.79 -16.22
CA HIS A 142 17.81 -7.54 -16.74
C HIS A 142 17.50 -6.04 -16.67
N PHE A 143 16.32 -5.68 -17.15
CA PHE A 143 16.02 -4.26 -17.36
C PHE A 143 16.19 -3.44 -16.08
N ILE A 144 16.70 -2.23 -16.26
CA ILE A 144 16.89 -1.21 -15.22
C ILE A 144 16.24 0.05 -15.79
N PRO A 145 15.67 0.92 -14.96
CA PRO A 145 15.10 2.17 -15.49
C PRO A 145 16.15 3.06 -16.14
N ASN A 146 15.68 3.90 -17.06
CA ASN A 146 16.54 4.87 -17.74
C ASN A 146 16.68 6.12 -16.87
N PHE A 147 17.78 6.20 -16.13
CA PHE A 147 18.07 7.40 -15.35
C PHE A 147 18.64 8.54 -16.19
N THR A 148 19.20 8.23 -17.36
CA THR A 148 19.75 9.22 -18.28
C THR A 148 18.73 10.32 -18.61
N ALA A 149 19.25 11.51 -18.88
CA ALA A 149 18.51 12.72 -19.26
C ALA A 149 17.62 13.23 -18.13
N LYS A 150 17.56 12.52 -17.00
CA LYS A 150 16.75 12.92 -15.85
C LYS A 150 15.29 13.09 -16.29
N LYS A 151 14.65 11.94 -16.49
CA LYS A 151 13.21 11.85 -16.70
C LYS A 151 12.60 11.06 -15.53
N HIS A 152 11.31 11.30 -15.29
CA HIS A 152 10.60 10.68 -14.17
C HIS A 152 10.35 9.20 -14.47
N VAL A 153 10.62 8.33 -13.48
CA VAL A 153 10.49 6.89 -13.66
C VAL A 153 9.12 6.45 -13.18
N VAL A 154 8.43 5.63 -13.97
CA VAL A 154 7.15 5.07 -13.55
C VAL A 154 7.26 3.56 -13.67
N MET A 155 7.05 2.86 -12.56
CA MET A 155 7.32 1.43 -12.46
C MET A 155 6.04 0.68 -12.12
N PHE A 156 5.87 -0.48 -12.77
CA PHE A 156 4.75 -1.39 -12.55
C PHE A 156 5.30 -2.78 -12.26
N ALA A 157 4.74 -3.44 -11.24
CA ALA A 157 5.21 -4.75 -10.82
C ALA A 157 4.09 -5.55 -10.19
N ASP A 158 4.14 -6.87 -10.38
CA ASP A 158 3.34 -7.79 -9.59
C ASP A 158 4.27 -8.59 -8.67
N ASP A 159 3.71 -9.60 -8.01
CA ASP A 159 4.45 -10.28 -6.95
C ASP A 159 5.77 -10.86 -7.44
N THR A 160 5.84 -11.25 -8.71
CA THR A 160 7.05 -11.88 -9.22
C THR A 160 8.18 -10.88 -9.46
N ALA A 161 7.85 -9.62 -9.60
CA ALA A 161 8.86 -8.62 -9.88
C ALA A 161 9.17 -7.76 -8.66
N VAL A 162 8.60 -8.06 -7.51
CA VAL A 162 8.95 -7.31 -6.30
C VAL A 162 10.41 -7.53 -5.94
N PRO A 163 10.98 -8.75 -6.01
CA PRO A 163 12.45 -8.85 -5.81
C PRO A 163 13.27 -8.00 -6.77
N ALA A 164 12.98 -8.03 -8.08
CA ALA A 164 13.67 -7.13 -9.01
C ALA A 164 13.57 -5.66 -8.58
N LEU A 165 12.40 -5.24 -8.09
CA LEU A 165 12.23 -3.87 -7.60
C LEU A 165 13.17 -3.58 -6.43
N TYR A 166 13.23 -4.49 -5.45
CA TYR A 166 14.11 -4.31 -4.30
C TYR A 166 15.57 -4.17 -4.74
N SER A 167 16.00 -5.05 -5.66
CA SER A 167 17.34 -4.97 -6.22
C SER A 167 17.61 -3.59 -6.82
N ILE A 168 16.66 -3.09 -7.61
CA ILE A 168 16.82 -1.79 -8.27
C ILE A 168 16.82 -0.66 -7.25
N LEU A 169 15.98 -0.75 -6.22
CA LEU A 169 15.88 0.33 -5.26
C LEU A 169 17.12 0.43 -4.37
N LYS A 170 17.78 -0.71 -4.13
CA LYS A 170 18.98 -0.65 -3.32
C LYS A 170 20.17 -0.04 -4.04
N GLN A 171 20.11 0.08 -5.37
CA GLN A 171 21.10 0.82 -6.13
C GLN A 171 20.48 1.97 -6.89
N TRP A 172 19.44 2.58 -6.33
CA TRP A 172 18.74 3.65 -7.00
C TRP A 172 19.66 4.87 -7.19
N GLU A 173 19.58 5.48 -8.38
CA GLU A 173 20.32 6.70 -8.70
C GLU A 173 19.73 7.86 -7.90
N LEU A 174 20.38 8.24 -6.82
CA LEU A 174 19.83 9.30 -5.97
C LEU A 174 19.58 10.58 -6.78
N GLY A 175 18.40 11.16 -6.59
CA GLY A 175 17.99 12.36 -7.30
C GLY A 175 16.94 12.14 -8.37
N ILE A 176 16.67 10.89 -8.77
CA ILE A 176 15.63 10.59 -9.75
C ILE A 176 14.35 10.25 -8.99
N SER A 177 13.24 10.85 -9.43
CA SER A 177 11.95 10.62 -8.80
C SER A 177 11.20 9.50 -9.52
N ALA A 178 10.23 8.92 -8.81
CA ALA A 178 9.50 7.82 -9.42
C ALA A 178 8.14 7.62 -8.77
N ASP A 179 7.23 7.04 -9.55
CA ASP A 179 5.98 6.48 -9.06
C ASP A 179 6.02 4.98 -9.29
N ILE A 180 5.80 4.20 -8.24
CA ILE A 180 5.89 2.74 -8.33
C ILE A 180 4.54 2.13 -8.00
N PHE A 181 4.03 1.30 -8.89
CA PHE A 181 2.76 0.63 -8.71
C PHE A 181 3.00 -0.85 -8.55
N ILE A 182 2.59 -1.41 -7.43
CA ILE A 182 2.77 -2.83 -7.17
C ILE A 182 1.41 -3.48 -7.06
N GLU A 183 1.27 -4.62 -7.71
CA GLU A 183 0.09 -5.45 -7.72
C GLU A 183 0.48 -6.70 -6.94
N SER A 184 -0.08 -6.88 -5.75
CA SER A 184 0.36 -7.99 -4.90
C SER A 184 -0.81 -8.62 -4.17
N PHE A 185 -0.65 -9.89 -3.81
CA PHE A 185 -1.62 -10.56 -2.94
C PHE A 185 -1.44 -10.19 -1.48
N GLU A 186 -0.27 -9.70 -1.12
CA GLU A 186 0.05 -9.28 0.23
C GLU A 186 -0.24 -7.80 0.38
N LYS A 187 -1.08 -7.49 1.38
CA LYS A 187 -1.63 -6.15 1.55
C LYS A 187 -0.55 -5.10 1.77
N ASP A 188 0.60 -5.50 2.32
CA ASP A 188 1.66 -4.57 2.66
C ASP A 188 2.98 -5.05 2.11
N ILE A 189 2.96 -5.35 0.80
CA ILE A 189 4.17 -5.78 0.10
C ILE A 189 5.20 -4.66 -0.03
N ALA A 190 4.80 -3.40 0.06
CA ALA A 190 5.79 -2.35 -0.08
C ALA A 190 6.67 -2.19 1.15
N SER A 191 6.28 -2.77 2.29
CA SER A 191 7.02 -2.49 3.51
C SER A 191 8.47 -2.89 3.40
N GLN A 192 8.76 -3.93 2.60
CA GLN A 192 10.10 -4.46 2.48
C GLN A 192 11.02 -3.56 1.65
N LEU A 193 10.47 -2.70 0.86
CA LEU A 193 11.22 -1.80 -0.01
C LEU A 193 11.66 -0.56 0.76
N PRO A 194 12.78 0.03 0.38
CA PRO A 194 13.29 1.20 1.12
C PRO A 194 12.44 2.43 0.88
N GLU A 195 12.57 3.36 1.83
CA GLU A 195 11.93 4.68 1.77
C GLU A 195 12.98 5.63 1.23
N LEU A 196 12.77 6.14 0.02
CA LEU A 196 13.72 7.05 -0.60
C LEU A 196 13.01 8.34 -1.00
N GLU A 197 13.69 9.46 -0.77
CA GLU A 197 13.08 10.77 -1.04
C GLU A 197 12.70 10.85 -2.51
N HIS A 198 11.41 11.12 -2.76
CA HIS A 198 10.77 11.29 -4.07
C HIS A 198 10.46 9.99 -4.82
N VAL A 199 10.57 8.80 -4.23
CA VAL A 199 9.97 7.60 -4.80
C VAL A 199 8.72 7.28 -4.01
N LYS A 200 7.58 7.51 -4.63
CA LYS A 200 6.31 7.17 -4.02
C LYS A 200 5.96 5.75 -4.48
N ILE A 201 5.60 4.88 -3.53
CA ILE A 201 5.33 3.48 -3.84
C ILE A 201 3.87 3.17 -3.49
N HIS A 202 3.09 2.81 -4.52
CA HIS A 202 1.67 2.50 -4.38
C HIS A 202 1.42 1.01 -4.58
N SER A 203 0.71 0.38 -3.63
CA SER A 203 0.44 -1.05 -3.70
C SER A 203 -1.07 -1.28 -3.78
N PHE A 204 -1.48 -2.16 -4.70
CA PHE A 204 -2.85 -2.64 -4.79
C PHE A 204 -2.91 -4.07 -4.27
N HIS A 205 -4.10 -4.50 -3.86
CA HIS A 205 -4.30 -5.79 -3.18
C HIS A 205 -5.22 -6.65 -4.03
N LYS A 206 -4.70 -7.79 -4.51
CA LYS A 206 -5.47 -8.72 -5.31
C LYS A 206 -6.12 -9.77 -4.42
N GLU A 207 -7.31 -10.22 -4.83
CA GLU A 207 -7.97 -11.34 -4.15
C GLU A 207 -7.95 -12.51 -5.14
N HIS A 208 -7.71 -13.71 -4.61
CA HIS A 208 -7.42 -14.84 -5.47
C HIS A 208 -8.62 -15.21 -6.34
N HIS A 209 -8.32 -15.94 -7.44
CA HIS A 209 -9.32 -16.60 -8.29
C HIS A 209 -10.38 -15.63 -8.85
N THR A 210 -9.91 -14.61 -9.56
CA THR A 210 -10.80 -13.60 -10.16
C THR A 210 -10.35 -13.14 -11.54
N LYS A 213 -8.31 -9.44 -13.08
CA LYS A 213 -8.51 -8.00 -13.27
C LYS A 213 -7.20 -7.36 -13.76
N GLY A 214 -7.28 -6.14 -14.30
CA GLY A 214 -6.11 -5.48 -14.88
C GLY A 214 -5.59 -4.28 -14.13
N LEU A 215 -5.15 -4.47 -12.89
CA LEU A 215 -4.97 -3.34 -11.98
C LEU A 215 -3.82 -2.43 -12.41
N LEU A 216 -2.65 -3.01 -12.71
CA LEU A 216 -1.51 -2.20 -13.11
C LEU A 216 -1.85 -1.32 -14.31
N LEU A 217 -2.65 -1.84 -15.24
CA LEU A 217 -3.07 -1.05 -16.40
C LEU A 217 -3.95 0.12 -16.00
N LYS A 218 -4.88 -0.10 -15.06
CA LYS A 218 -5.72 1.00 -14.56
C LYS A 218 -4.87 2.14 -14.00
N ALA A 219 -3.71 1.82 -13.44
CA ALA A 219 -2.80 2.85 -12.93
C ALA A 219 -2.10 3.60 -14.06
N ALA A 220 -1.76 2.90 -15.14
CA ALA A 220 -1.08 3.55 -16.25
C ALA A 220 -1.99 4.52 -17.00
N PHE A 221 -3.26 4.15 -17.15
CA PHE A 221 -4.26 5.04 -17.74
C PHE A 221 -4.51 6.30 -16.93
N ALA A 222 -3.93 6.43 -15.72
CA ALA A 222 -4.36 7.47 -14.79
C ALA A 222 -3.23 8.35 -14.27
N LEU A 223 -2.10 8.42 -14.95
CA LEU A 223 -0.97 9.19 -14.41
C LEU A 223 -1.26 10.69 -14.46
N GLU A 224 -0.64 11.44 -13.54
CA GLU A 224 -0.83 12.89 -13.47
C GLU A 224 -0.47 13.57 -14.79
N HIS A 225 0.74 13.31 -15.31
CA HIS A 225 1.16 13.81 -16.61
C HIS A 225 1.73 12.64 -17.42
N TYR A 226 2.04 12.89 -18.69
CA TYR A 226 2.59 11.85 -19.54
C TYR A 226 3.86 12.25 -20.27
N GLU A 227 4.30 13.49 -20.11
CA GLU A 227 5.49 13.96 -20.79
C GLU A 227 6.71 13.88 -19.88
N ASN A 228 7.87 13.65 -20.51
CA ASN A 228 9.15 13.65 -19.82
C ASN A 228 9.20 12.57 -18.72
N ILE A 229 8.66 11.38 -19.04
CA ILE A 229 8.68 10.22 -18.15
C ILE A 229 9.30 9.03 -18.89
N THR A 230 9.68 8.00 -18.11
CA THR A 230 10.25 6.76 -18.65
C THR A 230 9.78 5.56 -17.84
N ILE A 231 9.49 4.43 -18.52
CA ILE A 231 8.74 3.32 -17.95
C ILE A 231 9.62 2.07 -17.72
N TRP A 232 9.37 1.39 -16.59
CA TRP A 232 9.96 0.11 -16.26
C TRP A 232 8.84 -0.78 -15.76
N ALA A 233 8.71 -1.97 -16.31
CA ALA A 233 7.64 -2.82 -15.84
C ALA A 233 8.05 -4.27 -15.95
N ALA A 234 7.46 -5.08 -15.07
CA ALA A 234 7.60 -6.52 -15.14
C ALA A 234 6.38 -7.09 -14.44
N CYS A 235 5.66 -7.99 -15.11
CA CYS A 235 4.46 -8.58 -14.49
C CYS A 235 4.09 -9.83 -15.29
N GLU A 236 2.82 -10.20 -15.24
CA GLU A 236 2.28 -11.29 -16.05
C GLU A 236 2.34 -10.92 -17.54
N ARG A 237 2.54 -11.93 -18.40
CA ARG A 237 2.81 -11.68 -19.81
C ARG A 237 1.73 -10.81 -20.46
N ASN A 238 0.47 -11.14 -20.20
CA ASN A 238 -0.63 -10.45 -20.87
C ASN A 238 -0.78 -9.01 -20.37
N GLU A 239 -0.63 -8.77 -19.06
CA GLU A 239 -0.73 -7.40 -18.59
C GLU A 239 0.46 -6.56 -19.05
N ALA A 240 1.63 -7.18 -19.18
CA ALA A 240 2.80 -6.45 -19.64
C ALA A 240 2.66 -6.06 -21.11
N ARG A 241 2.14 -6.96 -21.95
CA ARG A 241 1.89 -6.60 -23.34
C ARG A 241 0.92 -5.42 -23.43
N ALA A 242 -0.11 -5.43 -22.58
CA ALA A 242 -1.06 -4.31 -22.55
C ALA A 242 -0.36 -3.00 -22.23
N LEU A 243 0.54 -3.02 -21.23
CA LEU A 243 1.29 -1.83 -20.87
C LEU A 243 2.19 -1.39 -22.02
N ARG A 244 2.87 -2.33 -22.68
CA ARG A 244 3.74 -1.97 -23.78
C ARG A 244 2.93 -1.27 -24.87
N GLN A 245 1.77 -1.85 -25.23
CA GLN A 245 0.93 -1.31 -26.29
C GLN A 245 0.49 0.11 -25.97
N PHE A 246 0.21 0.38 -24.70
CA PHE A 246 -0.24 1.70 -24.29
C PHE A 246 0.89 2.74 -24.37
N PHE A 247 2.08 2.43 -23.89
CA PHE A 247 3.11 3.46 -23.85
C PHE A 247 3.79 3.68 -25.18
N LEU A 248 3.63 2.75 -26.13
CA LEU A 248 4.25 2.85 -27.44
C LEU A 248 3.26 3.27 -28.50
N GLU A 249 2.25 2.43 -28.75
CA GLU A 249 1.31 2.65 -29.84
C GLU A 249 0.28 3.71 -29.50
N ASP A 250 0.29 4.25 -28.28
CA ASP A 250 -0.79 5.09 -27.79
C ASP A 250 -0.27 6.39 -27.20
N GLN A 251 0.95 6.40 -26.68
CA GLN A 251 1.51 7.62 -26.11
C GLN A 251 2.80 8.02 -26.77
N GLN A 252 3.28 7.26 -27.74
CA GLN A 252 4.43 7.60 -28.56
C GLN A 252 5.65 7.92 -27.68
N LEU A 253 6.01 6.96 -26.85
CA LEU A 253 7.22 7.05 -26.03
C LEU A 253 8.34 6.29 -26.74
N ASN A 254 9.58 6.79 -26.66
CA ASN A 254 10.65 6.10 -27.37
C ASN A 254 10.84 4.70 -26.80
N LYS A 255 11.25 3.76 -27.64
CA LYS A 255 11.34 2.34 -27.24
C LYS A 255 12.29 2.11 -26.07
N ASN A 256 13.38 2.89 -25.95
CA ASN A 256 14.28 2.72 -24.81
C ASN A 256 13.73 3.35 -23.53
N ASP A 257 12.59 4.04 -23.62
CA ASP A 257 11.92 4.62 -22.47
C ASP A 257 10.71 3.79 -22.04
N VAL A 258 10.56 2.59 -22.57
CA VAL A 258 9.52 1.68 -22.10
C VAL A 258 10.13 0.30 -21.91
N ARG A 259 10.90 0.12 -20.84
CA ARG A 259 11.55 -1.14 -20.53
C ARG A 259 10.54 -2.01 -19.78
N ILE A 260 9.92 -2.95 -20.50
CA ILE A 260 8.81 -3.75 -19.98
C ILE A 260 9.05 -5.22 -20.31
N ALA A 261 8.80 -6.08 -19.33
CA ALA A 261 9.02 -7.52 -19.46
C ALA A 261 7.86 -8.29 -18.81
N GLY A 262 7.66 -9.51 -19.28
CA GLY A 262 6.66 -10.41 -18.74
C GLY A 262 7.35 -11.53 -18.02
N TYR A 263 7.31 -11.53 -16.67
CA TYR A 263 8.03 -12.53 -15.87
C TYR A 263 7.37 -13.90 -15.94
N TRP A 264 6.07 -13.97 -16.26
CA TRP A 264 5.37 -15.24 -16.33
C TRP A 264 4.11 -15.08 -17.15
N ARG A 265 3.45 -16.19 -17.47
CA ARG A 265 2.27 -16.13 -18.33
C ARG A 265 1.21 -17.13 -17.88
N ASP A 266 -0.02 -16.63 -17.67
CA ASP A 266 -1.04 -17.48 -17.06
C ASP A 266 -1.51 -18.57 -18.01
N GLY A 267 -1.43 -19.83 -17.56
CA GLY A 267 -1.77 -20.97 -18.37
C GLY A 267 -0.63 -21.57 -19.17
N VAL A 268 0.54 -20.92 -19.17
CA VAL A 268 1.71 -21.39 -19.90
C VAL A 268 2.84 -21.59 -18.89
N SER A 269 3.58 -22.68 -19.04
CA SER A 269 4.67 -22.91 -18.12
C SER A 269 5.91 -22.19 -18.62
N SER A 270 6.84 -21.93 -17.69
CA SER A 270 8.13 -21.35 -18.07
C SER A 270 8.79 -22.13 -19.19
N SER A 271 8.77 -23.46 -19.13
CA SER A 271 9.37 -24.26 -20.18
C SER A 271 8.75 -23.93 -21.54
N GLU A 272 7.42 -23.82 -21.57
CA GLU A 272 6.72 -23.47 -22.80
C GLU A 272 7.06 -22.07 -23.24
N LEU A 273 7.20 -21.16 -22.28
CA LEU A 273 7.67 -19.81 -22.62
C LEU A 273 9.03 -19.87 -23.32
N ASP A 274 9.94 -20.72 -22.82
CA ASP A 274 11.27 -20.85 -23.42
C ASP A 274 11.20 -21.33 -24.85
N LYS A 275 10.41 -22.39 -25.10
CA LYS A 275 10.27 -22.89 -26.46
C LYS A 275 9.68 -21.82 -27.38
N LEU A 276 8.76 -21.02 -26.84
CA LEU A 276 8.22 -19.90 -27.62
C LEU A 276 9.28 -18.85 -27.88
N ARG A 277 10.07 -18.48 -26.87
CA ARG A 277 11.09 -17.46 -27.06
C ARG A 277 12.13 -17.91 -28.10
N ALA A 278 12.47 -19.20 -28.09
CA ALA A 278 13.42 -19.70 -29.07
C ALA A 278 12.85 -19.60 -30.49
N GLN A 279 11.57 -19.94 -30.67
CA GLN A 279 10.97 -19.89 -32.00
C GLN A 279 10.80 -18.47 -32.50
N HIS A 280 10.46 -17.53 -31.62
CA HIS A 280 10.43 -16.13 -32.05
C HIS A 280 11.81 -15.66 -32.48
N TYR A 281 12.84 -15.97 -31.69
CA TYR A 281 14.20 -15.59 -32.03
C TYR A 281 14.61 -16.13 -33.40
N GLN A 282 14.46 -17.45 -33.62
CA GLN A 282 14.79 -18.04 -34.92
C GLN A 282 14.01 -17.39 -36.07
N GLU A 283 12.77 -16.98 -35.82
CA GLU A 283 11.93 -16.32 -36.81
C GLU A 283 12.25 -14.83 -36.93
N HIS A 284 12.81 -14.23 -35.88
CA HIS A 284 13.21 -12.84 -35.91
C HIS A 284 14.48 -12.64 -36.75
N ILE A 285 15.47 -13.52 -36.58
CA ILE A 285 16.71 -13.44 -37.34
C ILE A 285 16.49 -13.77 -38.80
N GLN A 286 15.39 -14.45 -39.14
CA GLN A 286 15.15 -14.78 -40.54
C GLN A 286 14.72 -13.58 -41.37
N GLN A 287 14.13 -12.58 -40.72
CA GLN A 287 13.79 -11.31 -41.38
C GLN A 287 14.43 -10.13 -40.63
N GLN B 38 -28.38 7.70 26.70
CA GLN B 38 -26.93 7.58 26.56
C GLN B 38 -26.33 8.85 25.96
N ASP B 39 -26.03 9.82 26.83
CA ASP B 39 -25.38 11.06 26.41
C ASP B 39 -23.94 11.08 26.88
N MET B 40 -23.18 11.96 26.26
CA MET B 40 -21.73 12.03 26.34
C MET B 40 -21.30 12.60 27.69
N GLU B 41 -19.99 12.50 27.97
CA GLU B 41 -19.43 12.94 29.24
C GLU B 41 -18.19 13.80 28.98
N GLN B 42 -17.84 14.62 30.01
CA GLN B 42 -16.66 15.48 29.98
C GLN B 42 -15.62 14.87 30.93
N LEU B 43 -14.59 14.25 30.36
CA LEU B 43 -13.63 13.50 31.13
C LEU B 43 -12.28 14.22 31.12
N GLU B 44 -11.27 13.56 31.69
CA GLU B 44 -9.88 13.98 31.62
C GLU B 44 -9.03 12.78 31.26
N MET B 45 -8.06 12.99 30.39
CA MET B 45 -7.18 11.92 29.97
C MET B 45 -5.80 12.13 30.57
N THR B 46 -5.15 11.04 30.98
CA THR B 46 -3.79 11.09 31.48
C THR B 46 -2.91 10.18 30.62
N ILE B 47 -1.88 10.77 29.99
CA ILE B 47 -1.04 10.07 29.03
C ILE B 47 -0.19 9.01 29.74
N VAL B 48 -0.19 7.78 29.21
CA VAL B 48 0.67 6.74 29.78
C VAL B 48 1.73 6.29 28.77
N SER B 49 1.45 6.38 27.47
CA SER B 49 2.43 5.98 26.48
C SER B 49 2.32 6.93 25.29
N ILE B 50 3.46 7.17 24.68
CA ILE B 50 3.56 8.00 23.49
C ILE B 50 4.49 7.25 22.54
N GLN B 51 3.99 6.91 21.36
CA GLN B 51 4.77 6.17 20.38
C GLN B 51 4.69 6.85 19.04
N THR B 52 5.63 6.52 18.18
CA THR B 52 5.68 7.03 16.82
C THR B 52 5.59 5.86 15.85
N PRO B 53 4.40 5.30 15.64
CA PRO B 53 4.28 4.10 14.80
C PRO B 53 4.85 4.29 13.41
N TYR B 54 4.62 5.45 12.80
CA TYR B 54 5.23 5.90 11.55
C TYR B 54 5.89 7.25 11.76
N PRO B 55 6.77 7.67 10.85
CA PRO B 55 7.45 8.96 11.05
C PRO B 55 6.50 10.14 11.12
N SER B 56 5.29 10.00 10.60
CA SER B 56 4.35 11.12 10.57
C SER B 56 3.15 10.91 11.48
N ILE B 57 3.18 9.91 12.36
CA ILE B 57 2.05 9.65 13.24
C ILE B 57 2.56 9.40 14.64
N VAL B 58 1.90 10.02 15.61
CA VAL B 58 2.21 9.88 17.02
C VAL B 58 1.01 9.23 17.69
N ARG B 59 1.21 8.03 18.23
CA ARG B 59 0.17 7.26 18.87
C ARG B 59 0.27 7.46 20.36
N ILE B 60 -0.77 8.04 20.96
CA ILE B 60 -0.78 8.34 22.39
C ILE B 60 -1.78 7.42 23.05
N GLN B 61 -1.43 6.89 24.22
CA GLN B 61 -2.35 6.14 25.03
C GLN B 61 -2.52 6.91 26.32
N GLY B 62 -3.77 7.00 26.79
CA GLY B 62 -4.07 7.73 28.00
C GLY B 62 -5.27 7.17 28.75
N LYS B 63 -5.17 7.09 30.08
CA LYS B 63 -6.25 6.64 30.92
C LYS B 63 -7.30 7.74 31.05
N ILE B 64 -8.56 7.35 30.99
CA ILE B 64 -9.68 8.29 31.07
C ILE B 64 -10.55 7.89 32.25
N ASN B 65 -11.11 8.89 32.93
CA ASN B 65 -11.92 8.66 34.13
C ASN B 65 -13.41 8.51 33.81
N THR B 66 -13.72 7.65 32.85
CA THR B 66 -15.11 7.40 32.52
C THR B 66 -15.76 6.62 33.65
N LEU B 67 -17.07 6.84 33.85
CA LEU B 67 -17.83 6.04 34.80
C LEU B 67 -18.83 5.15 34.09
N GLN B 68 -18.85 5.16 32.77
CA GLN B 68 -19.70 4.29 31.95
C GLN B 68 -18.87 3.80 30.78
N PRO B 69 -18.03 2.79 30.97
CA PRO B 69 -17.18 2.31 29.88
C PRO B 69 -17.94 1.60 28.79
N GLU B 70 -19.21 1.25 29.01
CA GLU B 70 -19.99 0.61 27.96
C GLU B 70 -20.08 1.49 26.71
N LEU B 71 -20.06 2.82 26.88
CA LEU B 71 -20.18 3.72 25.74
C LEU B 71 -18.97 3.65 24.83
N TRP B 72 -17.79 3.42 25.39
CA TRP B 72 -16.54 3.62 24.68
C TRP B 72 -16.11 2.42 23.85
N GLN B 73 -16.97 1.44 23.64
CA GLN B 73 -16.61 0.25 22.89
C GLN B 73 -17.16 0.23 21.47
N ALA B 74 -17.97 1.21 21.10
CA ALA B 74 -18.52 1.22 19.77
C ALA B 74 -17.42 1.53 18.73
N PRO B 75 -17.60 1.10 17.49
CA PRO B 75 -16.61 1.44 16.47
C PRO B 75 -16.73 2.89 16.03
N ASN B 76 -15.58 3.44 15.66
CA ASN B 76 -15.45 4.82 15.15
C ASN B 76 -16.16 5.80 16.09
N LEU B 77 -15.64 5.88 17.30
CA LEU B 77 -16.03 6.94 18.21
C LEU B 77 -15.02 8.07 18.05
N ALA B 78 -15.50 9.31 18.13
CA ALA B 78 -14.61 10.46 18.14
C ALA B 78 -14.81 11.27 19.41
N ILE B 79 -13.70 11.90 19.84
CA ILE B 79 -13.67 12.75 21.02
C ILE B 79 -13.20 14.13 20.61
N ARG B 80 -13.45 15.10 21.49
CA ARG B 80 -12.90 16.44 21.34
C ARG B 80 -11.90 16.69 22.46
N LEU B 81 -10.63 16.85 22.09
CA LEU B 81 -9.56 17.12 23.05
C LEU B 81 -9.45 18.63 23.25
N ILE B 82 -9.50 19.05 24.51
CA ILE B 82 -9.34 20.46 24.85
C ILE B 82 -7.84 20.76 24.80
N VAL B 83 -7.40 21.18 23.62
CA VAL B 83 -5.99 21.37 23.35
C VAL B 83 -5.45 22.60 24.05
N SER B 84 -6.27 23.62 24.20
CA SER B 84 -5.91 24.83 24.92
C SER B 84 -7.17 25.34 25.57
N ASN B 85 -7.05 25.98 26.73
CA ASN B 85 -8.21 26.52 27.43
C ASN B 85 -7.84 27.91 27.92
N PRO B 86 -7.77 28.87 26.99
CA PRO B 86 -7.39 30.23 27.36
C PRO B 86 -8.42 30.89 28.27
N PRO B 87 -7.98 31.80 29.13
CA PRO B 87 -8.91 32.52 30.01
C PRO B 87 -9.87 33.48 29.30
N GLU B 88 -9.46 34.11 28.20
CA GLU B 88 -10.35 34.99 27.46
C GLU B 88 -10.88 34.24 26.24
N GLY B 89 -12.15 33.87 26.26
CA GLY B 89 -12.66 33.26 25.05
C GLY B 89 -12.99 31.79 25.22
N GLN B 90 -13.74 31.25 24.26
CA GLN B 90 -14.14 29.86 24.29
C GLN B 90 -12.93 28.96 24.06
N PRO B 91 -12.96 27.73 24.59
CA PRO B 91 -11.77 26.88 24.54
C PRO B 91 -11.58 26.25 23.17
N ILE B 92 -10.38 25.78 22.94
CA ILE B 92 -9.99 25.32 21.60
C ILE B 92 -9.94 23.81 21.64
N SER B 93 -10.80 23.18 20.87
CA SER B 93 -10.84 21.73 20.80
C SER B 93 -10.54 21.28 19.38
N ARG B 94 -10.11 20.02 19.28
CA ARG B 94 -9.85 19.37 18.00
C ARG B 94 -10.43 17.97 18.09
N VAL B 95 -10.87 17.43 16.95
CA VAL B 95 -11.59 16.16 16.89
C VAL B 95 -10.61 15.05 16.47
N TYR B 96 -10.55 13.99 17.26
CA TYR B 96 -9.69 12.84 16.95
C TYR B 96 -10.49 11.57 17.16
N THR B 97 -10.11 10.52 16.43
CA THR B 97 -10.77 9.24 16.55
C THR B 97 -10.19 8.46 17.72
N VAL B 98 -11.03 7.72 18.44
CA VAL B 98 -10.50 6.76 19.41
C VAL B 98 -10.10 5.51 18.62
N ARG B 99 -8.81 5.34 18.38
CA ARG B 99 -8.36 4.15 17.67
C ARG B 99 -8.89 2.90 18.37
N SER B 100 -8.79 2.86 19.68
CA SER B 100 -9.34 1.74 20.43
C SER B 100 -9.53 2.17 21.88
N PHE B 101 -10.28 1.33 22.61
CA PHE B 101 -10.53 1.50 24.04
C PHE B 101 -10.30 0.17 24.72
N ASN B 102 -9.35 0.15 25.67
CA ASN B 102 -9.01 -1.04 26.44
C ASN B 102 -9.84 -1.06 27.72
N PRO B 103 -10.83 -1.96 27.85
CA PRO B 103 -11.75 -1.86 28.99
C PRO B 103 -11.14 -2.28 30.31
N ILE B 104 -10.03 -3.03 30.32
CA ILE B 104 -9.48 -3.42 31.62
C ILE B 104 -8.57 -2.35 32.20
N ASN B 105 -8.41 -1.21 31.53
CA ASN B 105 -7.65 -0.13 32.18
C ASN B 105 -8.15 1.27 31.82
N ALA B 106 -9.30 1.41 31.14
CA ALA B 106 -9.89 2.72 30.83
C ALA B 106 -8.94 3.55 29.99
N GLN B 107 -8.24 2.88 29.08
CA GLN B 107 -7.23 3.48 28.23
C GLN B 107 -7.76 3.62 26.82
N ILE B 108 -7.59 4.80 26.24
CA ILE B 108 -7.86 5.01 24.83
C ILE B 108 -6.53 5.28 24.14
N GLU B 109 -6.49 5.09 22.83
CA GLU B 109 -5.33 5.53 22.08
C GLU B 109 -5.76 6.35 20.87
N ILE B 110 -4.93 7.31 20.50
CA ILE B 110 -5.20 8.28 19.46
C ILE B 110 -3.98 8.40 18.59
N ASP B 111 -4.17 8.36 17.28
CA ASP B 111 -3.13 8.68 16.32
C ASP B 111 -3.31 10.13 15.91
N PHE B 112 -2.25 10.90 16.02
CA PHE B 112 -2.21 12.28 15.56
C PHE B 112 -1.40 12.29 14.28
N VAL B 113 -1.99 12.79 13.22
CA VAL B 113 -1.27 13.00 11.98
C VAL B 113 -0.41 14.26 12.15
N LYS B 114 0.91 14.10 12.10
CA LYS B 114 1.78 15.26 12.15
C LYS B 114 1.67 16.07 10.86
N HIS B 115 1.67 17.39 10.96
CA HIS B 115 1.60 18.19 9.75
C HIS B 115 2.25 19.55 10.00
N GLU B 116 2.97 20.05 9.00
CA GLU B 116 3.79 21.25 9.18
C GLU B 116 2.85 22.45 9.27
N ASP B 117 2.34 22.67 10.49
CA ASP B 117 1.37 23.72 10.79
C ASP B 117 1.54 24.07 12.24
N LEU B 118 1.59 25.36 12.55
CA LEU B 118 1.68 25.78 13.94
C LEU B 118 0.30 25.74 14.62
N SER B 119 -0.39 24.64 14.45
CA SER B 119 -1.74 24.56 14.94
C SER B 119 -1.73 24.20 16.42
N PRO B 120 -2.84 24.47 17.12
CA PRO B 120 -2.94 24.04 18.53
C PRO B 120 -2.66 22.56 18.74
N ALA B 121 -3.24 21.68 17.92
CA ALA B 121 -2.98 20.26 18.11
C ALA B 121 -1.50 19.94 17.95
N MET B 122 -0.84 20.59 17.00
CA MET B 122 0.59 20.37 16.81
C MET B 122 1.40 21.00 17.94
N GLU B 123 1.08 22.24 18.32
CA GLU B 123 1.84 22.88 19.39
C GLU B 123 1.73 22.10 20.69
N TRP B 124 0.55 21.50 20.94
CA TRP B 124 0.33 20.66 22.12
C TRP B 124 1.10 19.36 22.03
N LEU B 125 1.14 18.76 20.84
CA LEU B 125 1.85 17.50 20.68
C LEU B 125 3.35 17.68 20.88
N ASN B 126 3.89 18.87 20.58
CA ASN B 126 5.34 19.07 20.74
C ASN B 126 5.76 18.93 22.18
N SER B 127 5.01 19.55 23.07
CA SER B 127 5.21 19.46 24.50
C SER B 127 4.04 18.63 25.02
N ALA B 128 4.18 17.32 24.96
CA ALA B 128 3.22 16.40 25.51
C ALA B 128 4.03 15.23 26.05
N GLN B 129 4.07 15.12 27.36
CA GLN B 129 4.85 14.07 27.99
C GLN B 129 3.94 13.02 28.59
N VAL B 130 4.58 11.94 29.01
CA VAL B 130 3.84 10.95 29.76
C VAL B 130 3.42 11.60 31.07
N GLY B 131 2.16 11.46 31.39
CA GLY B 131 1.59 12.14 32.52
C GLY B 131 0.89 13.44 32.18
N THR B 132 1.14 14.01 30.99
CA THR B 132 0.41 15.20 30.55
C THR B 132 -1.10 14.90 30.53
N LYS B 133 -1.88 15.73 31.24
CA LYS B 133 -3.32 15.59 31.34
C LYS B 133 -4.04 16.55 30.41
N ILE B 134 -5.13 16.09 29.81
CA ILE B 134 -5.86 16.93 28.87
C ILE B 134 -7.35 16.58 28.98
N GLY B 135 -8.18 17.62 28.90
CA GLY B 135 -9.62 17.42 28.98
C GLY B 135 -10.16 16.87 27.68
N LEU B 136 -11.27 16.14 27.78
CA LEU B 136 -11.88 15.61 26.57
C LEU B 136 -13.38 15.46 26.74
N ILE B 137 -14.09 15.50 25.62
CA ILE B 137 -15.53 15.43 25.57
C ILE B 137 -15.92 14.37 24.54
N GLY B 138 -16.76 13.43 24.92
CA GLY B 138 -17.15 12.37 24.01
C GLY B 138 -17.79 11.19 24.73
N PRO B 139 -18.06 10.09 24.01
CA PRO B 139 -17.71 9.94 22.59
C PRO B 139 -18.89 10.15 21.64
N ARG B 140 -18.63 10.55 20.40
CA ARG B 140 -19.70 10.67 19.41
C ARG B 140 -19.53 9.62 18.33
N PRO B 141 -20.46 8.70 18.16
CA PRO B 141 -20.36 7.73 17.07
C PRO B 141 -20.46 8.43 15.74
N HIS B 142 -19.63 7.98 14.80
CA HIS B 142 -19.58 8.49 13.45
C HIS B 142 -19.92 7.39 12.46
N PHE B 143 -19.88 7.75 11.18
CA PHE B 143 -20.36 6.88 10.12
C PHE B 143 -19.68 5.52 10.17
N ILE B 144 -20.47 4.49 9.90
CA ILE B 144 -20.02 3.10 9.82
C ILE B 144 -20.54 2.62 8.47
N PRO B 145 -19.85 1.73 7.79
CA PRO B 145 -20.35 1.27 6.50
C PRO B 145 -21.72 0.63 6.64
N ASN B 146 -22.49 0.66 5.56
CA ASN B 146 -23.79 0.02 5.58
C ASN B 146 -23.57 -1.48 5.42
N PHE B 147 -23.53 -2.21 6.52
CA PHE B 147 -23.51 -3.66 6.41
C PHE B 147 -24.90 -4.21 6.13
N THR B 148 -25.94 -3.44 6.45
CA THR B 148 -27.32 -3.84 6.20
C THR B 148 -27.49 -4.21 4.72
N ALA B 149 -28.41 -5.15 4.48
CA ALA B 149 -28.77 -5.61 3.14
C ALA B 149 -27.61 -6.31 2.44
N LYS B 150 -26.42 -6.29 3.03
CA LYS B 150 -25.26 -7.00 2.49
C LYS B 150 -24.94 -6.62 1.04
N LYS B 151 -24.32 -5.44 0.85
CA LYS B 151 -23.77 -5.00 -0.42
C LYS B 151 -22.25 -4.84 -0.27
N HIS B 152 -21.54 -4.83 -1.39
CA HIS B 152 -20.08 -4.71 -1.35
C HIS B 152 -19.68 -3.31 -0.91
N VAL B 153 -18.73 -3.22 0.01
CA VAL B 153 -18.33 -1.95 0.60
C VAL B 153 -17.12 -1.41 -0.17
N VAL B 154 -17.12 -0.09 -0.43
CA VAL B 154 -15.95 0.60 -0.97
C VAL B 154 -15.63 1.78 -0.06
N MET B 155 -14.40 1.83 0.45
CA MET B 155 -14.01 2.81 1.48
C MET B 155 -12.89 3.70 0.99
N PHE B 156 -12.95 4.98 1.33
CA PHE B 156 -11.91 5.95 1.00
C PHE B 156 -11.44 6.68 2.25
N ALA B 157 -10.12 6.82 2.41
CA ALA B 157 -9.56 7.47 3.58
C ALA B 157 -8.24 8.14 3.25
N ASP B 158 -7.97 9.26 3.92
CA ASP B 158 -6.63 9.83 3.99
C ASP B 158 -6.07 9.61 5.40
N ASP B 159 -4.93 10.22 5.68
CA ASP B 159 -4.22 9.93 6.92
C ASP B 159 -5.07 10.21 8.17
N THR B 160 -5.95 11.21 8.11
CA THR B 160 -6.77 11.55 9.28
C THR B 160 -7.85 10.51 9.58
N ALA B 161 -8.23 9.69 8.61
CA ALA B 161 -9.27 8.68 8.75
C ALA B 161 -8.76 7.25 8.91
N VAL B 162 -7.43 7.04 8.98
CA VAL B 162 -6.96 5.68 9.16
C VAL B 162 -7.33 5.13 10.53
N PRO B 163 -7.21 5.90 11.65
CA PRO B 163 -7.72 5.34 12.91
C PRO B 163 -9.16 4.90 12.78
N ALA B 164 -10.02 5.76 12.20
CA ALA B 164 -11.41 5.37 11.99
C ALA B 164 -11.51 4.02 11.27
N LEU B 165 -10.65 3.81 10.27
CA LEU B 165 -10.63 2.53 9.57
C LEU B 165 -10.31 1.38 10.51
N TYR B 166 -9.25 1.54 11.31
CA TYR B 166 -8.85 0.51 12.26
C TYR B 166 -9.97 0.19 13.21
N SER B 167 -10.64 1.23 13.73
CA SER B 167 -11.81 1.01 14.58
C SER B 167 -12.89 0.24 13.83
N ILE B 168 -13.20 0.64 12.60
CA ILE B 168 -14.25 -0.05 11.88
C ILE B 168 -13.86 -1.49 11.61
N LEU B 169 -12.57 -1.70 11.30
CA LEU B 169 -12.07 -3.01 10.91
C LEU B 169 -11.91 -3.98 12.07
N LYS B 170 -11.59 -3.50 13.28
CA LYS B 170 -11.45 -4.45 14.37
C LYS B 170 -12.79 -4.99 14.82
N GLN B 171 -13.90 -4.38 14.40
CA GLN B 171 -15.26 -4.90 14.62
C GLN B 171 -15.98 -5.18 13.30
N TRP B 172 -15.22 -5.55 12.27
CA TRP B 172 -15.80 -5.75 10.95
C TRP B 172 -16.84 -6.85 10.95
N GLU B 173 -17.92 -6.62 10.20
CA GLU B 173 -18.95 -7.63 9.99
C GLU B 173 -18.39 -8.77 9.16
N LEU B 174 -17.98 -9.86 9.82
CA LEU B 174 -17.36 -10.96 9.10
C LEU B 174 -18.29 -11.46 8.01
N GLY B 175 -17.73 -11.63 6.80
CA GLY B 175 -18.50 -12.09 5.66
C GLY B 175 -18.86 -11.02 4.63
N ILE B 176 -18.68 -9.75 4.94
CA ILE B 176 -18.92 -8.68 3.97
C ILE B 176 -17.59 -8.31 3.33
N SER B 177 -17.57 -8.24 1.98
CA SER B 177 -16.35 -7.95 1.25
C SER B 177 -16.22 -6.45 1.07
N ALA B 178 -14.98 -6.00 0.82
CA ALA B 178 -14.75 -4.58 0.68
C ALA B 178 -13.50 -4.32 -0.13
N ASP B 179 -13.48 -3.16 -0.76
CA ASP B 179 -12.28 -2.58 -1.36
C ASP B 179 -12.01 -1.32 -0.58
N ILE B 180 -10.81 -1.19 -0.02
CA ILE B 180 -10.43 -0.05 0.79
C ILE B 180 -9.29 0.67 0.08
N PHE B 181 -9.47 1.97 -0.16
CA PHE B 181 -8.50 2.82 -0.81
C PHE B 181 -8.02 3.88 0.17
N ILE B 182 -6.72 3.87 0.48
CA ILE B 182 -6.13 4.79 1.44
C ILE B 182 -5.12 5.66 0.72
N GLU B 183 -5.14 6.95 1.05
CA GLU B 183 -4.25 7.96 0.52
C GLU B 183 -3.35 8.40 1.67
N SER B 184 -2.08 8.05 1.65
CA SER B 184 -1.26 8.30 2.84
C SER B 184 0.12 8.80 2.46
N PHE B 185 0.73 9.55 3.40
CA PHE B 185 2.12 9.95 3.22
C PHE B 185 3.07 8.83 3.55
N GLU B 186 2.61 7.86 4.33
CA GLU B 186 3.39 6.70 4.73
C GLU B 186 3.16 5.57 3.75
N LYS B 187 4.27 5.02 3.25
CA LYS B 187 4.21 4.05 2.14
C LYS B 187 3.48 2.78 2.54
N ASP B 188 3.52 2.42 3.82
CA ASP B 188 2.92 1.17 4.27
C ASP B 188 2.02 1.46 5.45
N ILE B 189 1.12 2.43 5.25
CA ILE B 189 0.13 2.77 6.25
C ILE B 189 -0.83 1.60 6.48
N ALA B 190 -0.94 0.67 5.53
CA ALA B 190 -1.90 -0.40 5.68
C ALA B 190 -1.44 -1.54 6.59
N SER B 191 -0.12 -1.65 6.86
CA SER B 191 0.40 -2.78 7.61
C SER B 191 -0.25 -2.92 8.97
N GLN B 192 -0.69 -1.78 9.54
CA GLN B 192 -1.29 -1.68 10.85
C GLN B 192 -2.72 -2.20 10.90
N LEU B 193 -3.38 -2.27 9.78
CA LEU B 193 -4.76 -2.72 9.76
C LEU B 193 -4.83 -4.24 9.70
N PRO B 194 -5.92 -4.83 10.18
CA PRO B 194 -6.04 -6.29 10.15
C PRO B 194 -6.22 -6.81 8.73
N GLU B 195 -5.81 -8.05 8.54
CA GLU B 195 -5.96 -8.70 7.25
C GLU B 195 -7.20 -9.58 7.42
N LEU B 196 -8.26 -9.25 6.70
CA LEU B 196 -9.53 -9.96 6.78
C LEU B 196 -9.91 -10.47 5.41
N GLU B 197 -10.39 -11.71 5.35
CA GLU B 197 -10.67 -12.32 4.07
C GLU B 197 -11.72 -11.50 3.32
N HIS B 198 -11.37 -11.11 2.09
CA HIS B 198 -12.18 -10.35 1.14
C HIS B 198 -12.28 -8.86 1.45
N VAL B 199 -11.52 -8.29 2.38
CA VAL B 199 -11.29 -6.84 2.38
C VAL B 199 -9.90 -6.65 1.80
N LYS B 200 -9.85 -6.19 0.57
CA LYS B 200 -8.58 -5.91 -0.06
C LYS B 200 -8.29 -4.44 0.16
N ILE B 201 -7.10 -4.10 0.64
CA ILE B 201 -6.79 -2.73 1.03
C ILE B 201 -5.68 -2.19 0.15
N HIS B 202 -5.98 -1.14 -0.60
CA HIS B 202 -5.06 -0.54 -1.54
C HIS B 202 -4.58 0.79 -0.99
N SER B 203 -3.28 1.03 -1.02
CA SER B 203 -2.70 2.25 -0.49
C SER B 203 -2.04 3.04 -1.61
N PHE B 204 -2.28 4.35 -1.63
CA PHE B 204 -1.60 5.33 -2.46
C PHE B 204 -0.60 6.10 -1.60
N HIS B 205 0.46 6.59 -2.24
CA HIS B 205 1.56 7.24 -1.53
C HIS B 205 1.71 8.68 -2.00
N LYS B 206 1.44 9.63 -1.11
CA LYS B 206 1.51 11.04 -1.40
C LYS B 206 2.88 11.59 -1.06
N GLU B 207 3.32 12.60 -1.81
CA GLU B 207 4.54 13.32 -1.52
C GLU B 207 4.21 14.75 -1.07
N HIS B 208 4.94 15.21 -0.05
CA HIS B 208 4.70 16.50 0.56
C HIS B 208 5.00 17.64 -0.42
N HIS B 209 4.61 18.84 0.00
CA HIS B 209 5.00 20.10 -0.64
C HIS B 209 4.57 20.16 -2.11
N THR B 210 3.33 19.75 -2.37
CA THR B 210 2.84 19.75 -3.75
C THR B 210 1.36 20.10 -3.78
N SER B 211 0.84 20.23 -5.00
CA SER B 211 -0.59 20.34 -5.19
C SER B 211 -1.25 19.00 -4.96
N GLN B 212 -2.49 19.04 -4.48
CA GLN B 212 -3.25 17.84 -4.12
C GLN B 212 -3.84 17.20 -5.37
N LYS B 213 -3.16 16.20 -5.93
CA LYS B 213 -3.80 15.36 -6.94
C LYS B 213 -5.07 14.74 -6.34
N GLY B 214 -5.91 14.17 -7.19
CA GLY B 214 -7.17 13.66 -6.68
C GLY B 214 -7.20 12.15 -6.59
N LEU B 215 -6.30 11.61 -5.75
CA LEU B 215 -5.93 10.20 -5.83
C LEU B 215 -7.09 9.30 -5.45
N LEU B 216 -7.72 9.59 -4.31
CA LEU B 216 -8.90 8.82 -3.93
C LEU B 216 -9.96 8.92 -5.02
N LEU B 217 -10.11 10.10 -5.59
CA LEU B 217 -11.09 10.32 -6.64
C LEU B 217 -10.75 9.56 -7.91
N LYS B 218 -9.46 9.53 -8.28
CA LYS B 218 -9.05 8.72 -9.42
C LYS B 218 -9.45 7.26 -9.24
N ALA B 219 -9.40 6.76 -8.00
CA ALA B 219 -9.76 5.36 -7.77
C ALA B 219 -11.26 5.14 -7.87
N ALA B 220 -12.06 6.12 -7.44
CA ALA B 220 -13.51 6.00 -7.56
C ALA B 220 -13.95 6.09 -9.01
N PHE B 221 -13.29 6.94 -9.81
CA PHE B 221 -13.59 6.97 -11.24
C PHE B 221 -13.28 5.67 -11.94
N ALA B 222 -12.62 4.71 -11.26
CA ALA B 222 -12.04 3.55 -11.92
C ALA B 222 -12.48 2.25 -11.25
N LEU B 223 -13.63 2.24 -10.59
CA LEU B 223 -14.04 1.02 -9.91
C LEU B 223 -14.43 -0.05 -10.93
N GLU B 224 -14.25 -1.32 -10.56
CA GLU B 224 -14.56 -2.43 -11.47
C GLU B 224 -16.04 -2.39 -11.89
N HIS B 225 -16.95 -2.38 -10.93
CA HIS B 225 -18.39 -2.25 -11.19
C HIS B 225 -18.97 -1.17 -10.29
N TYR B 226 -20.22 -0.82 -10.53
CA TYR B 226 -20.89 0.22 -9.76
C TYR B 226 -22.23 -0.21 -9.16
N GLU B 227 -22.69 -1.42 -9.42
CA GLU B 227 -23.96 -1.88 -8.88
C GLU B 227 -23.70 -2.67 -7.60
N ASN B 228 -24.67 -2.60 -6.69
CA ASN B 228 -24.64 -3.37 -5.44
C ASN B 228 -23.45 -3.01 -4.56
N ILE B 229 -23.13 -1.71 -4.47
CA ILE B 229 -22.06 -1.25 -3.59
C ILE B 229 -22.60 -0.18 -2.66
N THR B 230 -21.82 0.09 -1.61
CA THR B 230 -22.08 1.17 -0.66
C THR B 230 -20.76 1.82 -0.29
N ILE B 231 -20.79 3.13 -0.09
CA ILE B 231 -19.59 3.93 0.03
C ILE B 231 -19.41 4.37 1.49
N TRP B 232 -18.16 4.38 1.93
CA TRP B 232 -17.73 4.96 3.19
C TRP B 232 -16.49 5.77 2.88
N ALA B 233 -16.49 7.05 3.24
CA ALA B 233 -15.29 7.83 2.97
C ALA B 233 -15.12 8.90 4.05
N ALA B 234 -13.86 9.22 4.32
CA ALA B 234 -13.49 10.29 5.23
C ALA B 234 -12.14 10.75 4.75
N CYS B 235 -12.01 12.05 4.45
CA CYS B 235 -10.76 12.60 3.96
C CYS B 235 -10.80 14.13 4.03
N GLU B 236 -9.99 14.77 3.21
CA GLU B 236 -10.02 16.22 3.13
C GLU B 236 -11.38 16.68 2.57
N ARG B 237 -11.86 17.83 3.06
CA ARG B 237 -13.24 18.26 2.76
C ARG B 237 -13.49 18.32 1.27
N ASN B 238 -12.57 18.93 0.53
CA ASN B 238 -12.85 19.14 -0.88
C ASN B 238 -12.85 17.81 -1.64
N GLU B 239 -11.92 16.92 -1.35
CA GLU B 239 -11.94 15.61 -2.00
C GLU B 239 -13.15 14.79 -1.58
N ALA B 240 -13.63 14.96 -0.35
CA ALA B 240 -14.81 14.22 0.07
C ALA B 240 -16.04 14.73 -0.66
N ARG B 241 -16.17 16.06 -0.75
CA ARG B 241 -17.26 16.67 -1.51
C ARG B 241 -17.25 16.22 -2.96
N ALA B 242 -16.06 16.11 -3.56
CA ALA B 242 -15.94 15.63 -4.93
C ALA B 242 -16.42 14.18 -5.07
N LEU B 243 -16.04 13.32 -4.11
CA LEU B 243 -16.49 11.93 -4.13
C LEU B 243 -17.99 11.82 -3.92
N ARG B 244 -18.53 12.57 -2.96
CA ARG B 244 -19.97 12.56 -2.68
C ARG B 244 -20.77 12.94 -3.92
N GLN B 245 -20.39 14.02 -4.61
CA GLN B 245 -21.09 14.39 -5.84
C GLN B 245 -20.99 13.29 -6.90
N PHE B 246 -19.88 12.57 -6.95
CA PHE B 246 -19.74 11.51 -7.94
C PHE B 246 -20.70 10.36 -7.63
N PHE B 247 -20.81 9.96 -6.37
CA PHE B 247 -21.63 8.80 -6.05
C PHE B 247 -23.12 9.12 -5.94
N LEU B 248 -23.48 10.39 -5.81
CA LEU B 248 -24.86 10.84 -5.70
C LEU B 248 -25.36 11.47 -6.99
N GLU B 249 -24.74 12.57 -7.45
CA GLU B 249 -25.20 13.31 -8.62
C GLU B 249 -24.80 12.64 -9.92
N ASP B 250 -24.04 11.55 -9.88
CA ASP B 250 -23.42 10.97 -11.07
C ASP B 250 -23.72 9.48 -11.20
N GLN B 251 -23.93 8.81 -10.08
CA GLN B 251 -24.20 7.38 -10.11
C GLN B 251 -25.51 7.02 -9.40
N GLN B 252 -26.22 8.02 -8.85
CA GLN B 252 -27.58 7.85 -8.30
C GLN B 252 -27.65 6.68 -7.32
N LEU B 253 -26.79 6.75 -6.31
CA LEU B 253 -26.80 5.84 -5.18
C LEU B 253 -27.62 6.47 -4.07
N ASN B 254 -28.35 5.65 -3.33
CA ASN B 254 -29.20 6.18 -2.26
C ASN B 254 -28.36 6.86 -1.20
N LYS B 255 -28.93 7.89 -0.59
CA LYS B 255 -28.19 8.68 0.40
C LYS B 255 -27.65 7.79 1.50
N ASN B 256 -28.34 6.68 1.79
CA ASN B 256 -27.97 5.73 2.82
C ASN B 256 -26.73 4.91 2.43
N ASP B 257 -26.32 4.96 1.17
CA ASP B 257 -25.17 4.22 0.66
C ASP B 257 -24.00 5.13 0.31
N VAL B 258 -24.07 6.42 0.63
CA VAL B 258 -22.93 7.29 0.38
C VAL B 258 -22.65 8.02 1.70
N ARG B 259 -22.09 7.27 2.65
CA ARG B 259 -21.74 7.78 3.98
C ARG B 259 -20.34 8.39 3.88
N ILE B 260 -20.28 9.70 3.70
CA ILE B 260 -19.01 10.37 3.44
C ILE B 260 -18.90 11.59 4.33
N ALA B 261 -17.72 11.82 4.91
CA ALA B 261 -17.48 12.97 5.78
C ALA B 261 -16.10 13.55 5.48
N GLY B 262 -15.95 14.84 5.71
CA GLY B 262 -14.67 15.47 5.51
C GLY B 262 -14.00 15.80 6.83
N TYR B 263 -12.96 15.05 7.17
CA TYR B 263 -12.36 15.20 8.51
C TYR B 263 -11.61 16.51 8.65
N TRP B 264 -11.19 17.13 7.55
CA TRP B 264 -10.48 18.41 7.65
C TRP B 264 -10.57 19.10 6.30
N ARG B 265 -10.09 20.34 6.26
CA ARG B 265 -10.17 21.16 5.05
C ARG B 265 -8.92 22.02 4.91
N ASP B 266 -8.28 21.95 3.74
CA ASP B 266 -6.94 22.51 3.56
C ASP B 266 -6.96 24.03 3.62
N GLY B 267 -6.13 24.60 4.49
CA GLY B 267 -6.00 26.02 4.59
C GLY B 267 -6.96 26.68 5.55
N VAL B 268 -7.93 25.94 6.08
CA VAL B 268 -8.87 26.43 7.07
C VAL B 268 -8.80 25.52 8.29
N SER B 269 -8.84 26.11 9.47
CA SER B 269 -8.66 25.37 10.70
C SER B 269 -9.99 24.80 11.18
N SER B 270 -9.87 23.74 12.00
CA SER B 270 -11.03 23.11 12.64
C SER B 270 -11.92 24.15 13.32
N SER B 271 -11.32 25.10 14.05
CA SER B 271 -12.11 26.14 14.71
C SER B 271 -12.95 26.93 13.72
N GLU B 272 -12.37 27.29 12.57
CA GLU B 272 -13.13 27.97 11.53
C GLU B 272 -14.20 27.07 10.94
N LEU B 273 -13.90 25.76 10.76
CA LEU B 273 -14.94 24.81 10.36
C LEU B 273 -16.12 24.87 11.30
N ASP B 274 -15.87 24.93 12.62
CA ASP B 274 -16.94 25.00 13.61
C ASP B 274 -17.79 26.26 13.42
N LYS B 275 -17.13 27.40 13.23
CA LYS B 275 -17.83 28.66 12.99
C LYS B 275 -18.67 28.60 11.71
N LEU B 276 -18.16 27.92 10.68
CA LEU B 276 -18.97 27.72 9.49
C LEU B 276 -20.17 26.83 9.78
N ARG B 277 -19.96 25.72 10.52
CA ARG B 277 -21.04 24.81 10.87
C ARG B 277 -22.09 25.48 11.76
N ALA B 278 -21.69 26.40 12.64
CA ALA B 278 -22.67 27.11 13.45
C ALA B 278 -23.59 27.99 12.61
N GLN B 279 -23.02 28.75 11.66
CA GLN B 279 -23.83 29.62 10.79
C GLN B 279 -24.63 28.82 9.77
N HIS B 280 -24.05 27.75 9.22
CA HIS B 280 -24.78 26.90 8.30
C HIS B 280 -26.00 26.31 9.02
N TYR B 281 -25.80 25.81 10.24
CA TYR B 281 -26.91 25.31 11.06
C TYR B 281 -27.95 26.41 11.37
N GLN B 282 -27.51 27.52 11.99
CA GLN B 282 -28.45 28.60 12.32
C GLN B 282 -29.17 29.12 11.08
N GLU B 283 -28.53 29.02 9.90
CA GLU B 283 -29.20 29.43 8.66
C GLU B 283 -30.10 28.34 8.12
N HIS B 284 -29.78 27.06 8.38
CA HIS B 284 -30.67 25.97 7.98
C HIS B 284 -31.89 25.92 8.88
N ILE B 285 -31.69 26.14 10.18
CA ILE B 285 -32.83 26.19 11.09
C ILE B 285 -33.70 27.40 10.78
N GLN B 286 -33.11 28.45 10.19
CA GLN B 286 -33.89 29.61 9.78
C GLN B 286 -34.70 29.33 8.51
N GLN B 287 -34.23 28.40 7.67
CA GLN B 287 -34.94 28.00 6.46
C GLN B 287 -35.23 26.50 6.47
PA FAD C . 5.53 -23.24 -14.21
O1A FAD C . 5.70 -24.79 -14.33
O2A FAD C . 6.24 -22.36 -15.12
O5B FAD C . 4.15 -22.73 -14.28
C5B FAD C . 3.07 -23.58 -14.60
C4B FAD C . 1.80 -22.83 -14.21
O4B FAD C . 1.98 -22.00 -13.10
C3B FAD C . 1.39 -21.98 -15.36
O3B FAD C . 0.05 -22.08 -15.65
C2B FAD C . 1.71 -20.60 -14.93
O2B FAD C . 0.84 -19.68 -15.48
C1B FAD C . 1.57 -20.70 -13.45
N9A FAD C . 2.35 -19.75 -12.68
C8A FAD C . 3.73 -19.60 -12.68
N7A FAD C . 4.09 -18.64 -11.83
C5A FAD C . 2.95 -18.10 -11.22
C6A FAD C . 2.74 -17.09 -10.28
N6A FAD C . 3.83 -16.34 -9.69
N1A FAD C . 1.47 -16.81 -9.91
C2A FAD C . 0.42 -17.49 -10.45
N3A FAD C . 0.59 -18.48 -11.34
C4A FAD C . 1.83 -18.82 -11.74
N1 FAD C . 9.06 -15.54 -9.63
C2 FAD C . 9.20 -15.41 -8.20
O2 FAD C . 8.32 -16.03 -7.36
N3 FAD C . 10.24 -14.66 -7.67
C4 FAD C . 11.13 -14.03 -8.51
O4 FAD C . 12.20 -13.27 -8.09
C4X FAD C . 11.01 -14.14 -9.96
N5 FAD C . 11.94 -13.49 -10.74
C5X FAD C . 11.84 -13.60 -12.11
C6 FAD C . 12.80 -12.94 -12.86
C7 FAD C . 12.71 -13.04 -14.25
C7M FAD C . 13.72 -12.33 -15.08
C8 FAD C . 11.71 -13.77 -14.86
C8M FAD C . 11.67 -13.85 -16.34
C9 FAD C . 10.76 -14.47 -14.10
C9A FAD C . 10.83 -14.36 -12.71
N10 FAD C . 9.87 -15.04 -11.90
C10 FAD C . 9.95 -14.92 -10.50
C1' FAD C . 8.78 -15.81 -12.53
C2' FAD C . 9.01 -17.30 -12.44
O2' FAD C . 10.09 -17.63 -13.21
C3' FAD C . 7.72 -17.98 -12.92
O3' FAD C . 6.69 -17.57 -12.11
C4' FAD C . 7.76 -19.49 -13.03
O4' FAD C . 6.89 -19.82 -14.04
C5' FAD C . 7.36 -20.24 -11.79
O5' FAD C . 7.87 -21.55 -11.83
P FAD C . 6.96 -22.88 -11.86
O1P FAD C . 7.66 -24.30 -11.94
O2P FAD C . 6.05 -22.52 -10.62
O3P FAD C . 5.87 -22.45 -13.00
PA FAD D . -6.02 23.31 12.82
O1A FAD D . -5.67 24.41 13.89
O2A FAD D . -7.39 22.90 12.57
O5B FAD D . -5.58 23.52 11.41
C5B FAD D . -5.04 24.72 10.93
C4B FAD D . -4.36 24.40 9.60
O4B FAD D . -3.85 23.12 9.62
C3B FAD D . -5.34 24.47 8.46
O3B FAD D . -4.85 25.17 7.35
C2B FAD D . -5.61 23.08 8.09
O2B FAD D . -5.89 22.95 6.76
C1B FAD D . -4.31 22.46 8.48
N9A FAD D . -4.46 21.07 8.81
C8A FAD D . -5.32 20.57 9.76
N7A FAD D . -5.22 19.26 9.81
C5A FAD D . -4.25 18.85 8.91
C6A FAD D . -3.71 17.61 8.57
N6A FAD D . -4.19 16.42 9.23
N1A FAD D . -2.74 17.55 7.63
C2A FAD D . -2.28 18.67 7.01
N3A FAD D . -2.77 19.89 7.32
C4A FAD D . -3.75 20.01 8.24
N1 FAD D . -6.77 13.86 12.70
C2 FAD D . -5.73 13.02 13.15
O2 FAD D . -4.47 13.51 12.94
N3 FAD D . -6.01 11.81 13.78
C4 FAD D . -7.30 11.36 13.99
O4 FAD D . -7.60 10.17 14.63
C4X FAD D . -8.41 12.22 13.52
N5 FAD D . -9.72 11.84 13.70
C5X FAD D . -10.74 12.68 13.28
C6 FAD D . -12.07 12.32 13.44
C7 FAD D . -13.10 13.16 13.03
C7M FAD D . -14.52 12.73 13.21
C8 FAD D . -12.82 14.37 12.44
C8M FAD D . -13.90 15.28 11.97
C9 FAD D . -11.49 14.76 12.26
C9A FAD D . -10.47 13.92 12.68
N10 FAD D . -9.12 14.33 12.49
C10 FAD D . -8.08 13.48 12.89
C1' FAD D . -8.82 15.64 11.85
C2' FAD D . -8.32 16.66 12.87
O2' FAD D . -9.27 16.99 13.79
C3' FAD D . -7.98 17.94 12.12
O3' FAD D . -7.08 17.63 11.13
C4' FAD D . -7.51 19.09 12.99
O4' FAD D . -7.87 20.28 12.41
C5' FAD D . -6.02 19.13 13.20
O5' FAD D . -5.87 19.94 14.33
P FAD D . -5.02 21.28 14.29
O1P FAD D . -4.88 22.16 15.60
O2P FAD D . -3.72 20.67 13.68
O3P FAD D . -5.50 21.94 12.90
#